data_3SOY
#
_entry.id   3SOY
#
_cell.length_a   79.346
_cell.length_b   79.346
_cell.length_c   107.293
_cell.angle_alpha   90.00
_cell.angle_beta   90.00
_cell.angle_gamma   90.00
#
_symmetry.space_group_name_H-M   'I 41 2 2'
#
loop_
_entity.id
_entity.type
_entity.pdbx_description
1 polymer 'NTF2-like superfamily protein'
2 non-polymer 'MALONATE ION'
3 non-polymer GLYCEROL
4 non-polymer IMIDAZOLE
5 water water
#
_entity_poly.entity_id   1
_entity_poly.type   'polypeptide(L)'
_entity_poly.pdbx_seq_one_letter_code
;SNAATSTVKQEITEGINRYLYSIDKADPTLGKQLFYVSPETSFIHPRGHERGWSQIAENFYGTT(MSE)GKTFSKRTLKL
DAPPAIHVYGNAAVAEFDWHFTAVRRDNGQTQHTTGRESQVWAKIPNTGWRIVHVHYSGPAKTGVGEGY
;
_entity_poly.pdbx_strand_id   A
#
loop_
_chem_comp.id
_chem_comp.type
_chem_comp.name
_chem_comp.formula
GOL non-polymer GLYCEROL 'C3 H8 O3'
IMD non-polymer IMIDAZOLE 'C3 H5 N2 1'
MLI non-polymer 'MALONATE ION' 'C3 H2 O4 -2'
#
# COMPACT_ATOMS: atom_id res chain seq x y z
N ALA A 4 13.09 19.96 -8.41
CA ALA A 4 13.25 18.51 -8.33
C ALA A 4 11.93 17.82 -7.89
N THR A 5 10.82 18.57 -7.82
CA THR A 5 9.44 18.00 -7.56
C THR A 5 9.03 16.88 -8.57
N SER A 6 9.51 16.99 -9.79
CA SER A 6 9.21 16.00 -10.84
C SER A 6 10.07 14.76 -10.73
N THR A 7 11.30 14.92 -10.24
CA THR A 7 12.17 13.79 -9.92
C THR A 7 11.62 13.07 -8.68
N VAL A 8 11.07 13.84 -7.74
CA VAL A 8 10.44 13.24 -6.55
C VAL A 8 9.22 12.38 -6.92
N LYS A 9 8.44 12.93 -7.83
CA LYS A 9 7.29 12.26 -8.37
C LYS A 9 7.60 11.07 -9.24
N GLN A 10 8.66 11.18 -10.04
CA GLN A 10 9.09 10.08 -10.88
C GLN A 10 9.50 8.98 -9.93
N GLU A 11 10.22 9.35 -8.87
CA GLU A 11 10.68 8.37 -7.85
C GLU A 11 9.54 7.70 -7.08
N ILE A 12 8.54 8.48 -6.65
CA ILE A 12 7.44 7.90 -5.89
C ILE A 12 6.60 7.03 -6.83
N THR A 13 6.34 7.49 -8.05
CA THR A 13 5.55 6.71 -9.02
C THR A 13 6.15 5.32 -9.20
N GLU A 14 7.45 5.29 -9.47
CA GLU A 14 8.07 4.05 -9.74
C GLU A 14 8.17 3.27 -8.40
N GLY A 15 8.31 3.96 -7.27
CA GLY A 15 8.29 3.28 -5.97
C GLY A 15 6.96 2.58 -5.67
N ILE A 16 5.87 3.17 -6.13
CA ILE A 16 4.56 2.57 -5.98
C ILE A 16 4.44 1.28 -6.83
N ASN A 17 4.98 1.29 -8.05
CA ASN A 17 5.07 0.09 -8.89
C ASN A 17 5.81 -1.01 -8.21
N ARG A 18 6.84 -0.66 -7.45
CA ARG A 18 7.58 -1.64 -6.67
C ARG A 18 6.76 -2.14 -5.49
N TYR A 19 6.06 -1.22 -4.85
CA TYR A 19 5.11 -1.62 -3.80
C TYR A 19 4.11 -2.67 -4.28
N LEU A 20 3.52 -2.45 -5.44
CA LEU A 20 2.65 -3.42 -6.06
C LEU A 20 3.31 -4.80 -6.19
N TYR A 21 4.55 -4.85 -6.65
CA TYR A 21 5.22 -6.12 -6.84
C TYR A 21 5.43 -6.80 -5.47
N SER A 22 5.78 -6.00 -4.47
CA SER A 22 5.91 -6.51 -3.13
C SER A 22 4.60 -7.12 -2.66
N ILE A 23 3.45 -6.55 -3.06
CA ILE A 23 2.19 -7.12 -2.63
C ILE A 23 1.94 -8.43 -3.37
N ASP A 24 2.14 -8.43 -4.69
CA ASP A 24 1.89 -9.61 -5.49
C ASP A 24 2.68 -10.78 -4.95
N LYS A 25 3.91 -10.50 -4.52
CA LYS A 25 4.77 -11.52 -3.98
C LYS A 25 4.59 -11.73 -2.48
N ALA A 26 3.73 -10.95 -1.84
CA ALA A 26 3.62 -10.93 -0.36
C ALA A 26 5.01 -11.02 0.25
N ASP A 27 5.96 -10.17 -0.23
CA ASP A 27 7.36 -10.27 0.24
C ASP A 27 7.79 -9.10 1.10
N PRO A 28 7.83 -9.29 2.43
CA PRO A 28 8.22 -8.19 3.29
C PRO A 28 9.68 -7.78 3.14
N THR A 29 10.57 -8.66 2.67
CA THR A 29 11.96 -8.23 2.54
C THR A 29 12.04 -7.22 1.34
N LEU A 30 11.08 -7.30 0.42
CA LEU A 30 10.97 -6.33 -0.65
C LEU A 30 10.23 -5.08 -0.16
N GLY A 31 9.21 -5.28 0.68
CA GLY A 31 8.45 -4.13 1.24
C GLY A 31 9.34 -3.29 2.14
N LYS A 32 10.29 -3.96 2.80
CA LYS A 32 11.28 -3.30 3.65
C LYS A 32 12.12 -2.24 2.93
N GLN A 33 12.32 -2.43 1.63
CA GLN A 33 13.06 -1.49 0.81
C GLN A 33 12.21 -0.25 0.43
N LEU A 34 10.92 -0.26 0.76
CA LEU A 34 10.00 0.78 0.31
C LEU A 34 9.41 1.54 1.48
N PHE A 35 9.12 0.80 2.54
CA PHE A 35 8.65 1.38 3.80
C PHE A 35 9.81 1.82 4.64
N TYR A 36 9.54 2.80 5.49
CA TYR A 36 10.44 3.23 6.52
C TYR A 36 10.48 2.25 7.68
N VAL A 37 11.66 1.70 7.91
CA VAL A 37 11.84 0.65 8.94
C VAL A 37 11.88 1.36 10.28
N SER A 38 10.74 1.40 10.95
CA SER A 38 10.61 2.14 12.21
C SER A 38 9.32 1.72 12.94
N PRO A 39 9.22 2.02 14.24
CA PRO A 39 7.97 1.78 14.96
C PRO A 39 6.91 2.80 14.69
N GLU A 40 7.27 3.89 14.03
CA GLU A 40 6.30 4.94 13.73
C GLU A 40 5.52 4.72 12.44
N THR A 41 6.06 3.88 11.58
CA THR A 41 5.46 3.61 10.29
C THR A 41 4.19 2.83 10.53
N SER A 42 3.08 3.27 9.94
CA SER A 42 1.79 2.67 10.17
C SER A 42 0.97 2.40 8.90
N PHE A 43 0.03 1.48 9.01
CA PHE A 43 -0.76 1.01 7.88
C PHE A 43 -2.20 0.76 8.34
N ILE A 44 -3.12 1.62 7.94
CA ILE A 44 -4.56 1.44 8.28
C ILE A 44 -5.20 0.72 7.14
N HIS A 45 -5.94 -0.36 7.42
CA HIS A 45 -6.60 -1.12 6.33
C HIS A 45 -7.94 -1.63 6.80
N PRO A 46 -8.74 -2.20 5.91
CA PRO A 46 -10.10 -2.56 6.37
C PRO A 46 -10.18 -3.63 7.46
N ARG A 47 -9.10 -4.40 7.61
CA ARG A 47 -9.06 -5.45 8.63
C ARG A 47 -8.33 -5.11 9.92
N GLY A 48 -7.75 -3.91 9.98
CA GLY A 48 -7.07 -3.51 11.21
C GLY A 48 -6.14 -2.36 11.02
N HIS A 49 -5.10 -2.28 11.84
CA HIS A 49 -4.24 -1.12 11.88
C HIS A 49 -2.88 -1.66 12.25
N GLU A 50 -1.92 -1.55 11.35
CA GLU A 50 -0.58 -2.02 11.68
C GLU A 50 0.21 -0.88 12.27
N ARG A 51 0.76 -1.09 13.45
CA ARG A 51 1.59 -0.07 14.08
C ARG A 51 3.07 -0.48 14.17
N GLY A 52 3.86 0.13 13.30
CA GLY A 52 5.27 -0.13 13.14
C GLY A 52 5.53 -1.11 12.03
N TRP A 53 6.73 -1.01 11.46
CA TRP A 53 7.13 -1.89 10.36
C TRP A 53 6.99 -3.38 10.70
N SER A 54 7.37 -3.77 11.91
CA SER A 54 7.21 -5.13 12.33
C SER A 54 5.82 -5.65 12.15
N GLN A 55 4.82 -4.88 12.58
CA GLN A 55 3.43 -5.30 12.39
C GLN A 55 3.04 -5.37 10.92
N ILE A 56 3.54 -4.45 10.12
CA ILE A 56 3.27 -4.44 8.69
C ILE A 56 3.85 -5.71 8.03
N ALA A 57 5.15 -5.95 8.22
CA ALA A 57 5.82 -7.20 7.82
C ALA A 57 5.06 -8.43 8.27
N GLU A 58 4.72 -8.51 9.55
CA GLU A 58 4.16 -9.76 10.07
C GLU A 58 2.68 -9.95 9.69
N ASN A 59 1.84 -9.02 10.13
CA ASN A 59 0.40 -9.23 10.00
C ASN A 59 -0.10 -8.77 8.60
N PHE A 60 0.54 -7.80 7.95
CA PHE A 60 0.01 -7.41 6.63
C PHE A 60 0.61 -8.22 5.50
N TYR A 61 1.92 -8.17 5.34
CA TYR A 61 2.57 -8.94 4.27
C TYR A 61 2.46 -10.41 4.53
N GLY A 62 2.76 -10.81 5.76
CA GLY A 62 2.76 -12.20 6.09
C GLY A 62 1.38 -12.82 6.12
N THR A 63 0.50 -12.28 6.95
CA THR A 63 -0.79 -12.91 7.17
C THR A 63 -1.82 -12.50 6.12
N THR A 64 -2.07 -11.21 6.07
CA THR A 64 -3.17 -10.71 5.27
C THR A 64 -2.96 -11.00 3.78
N MSE A 65 -1.71 -10.82 3.32
CA MSE A 65 -1.43 -11.06 1.92
C MSE A 65 -0.95 -12.50 1.68
O MSE A 65 -1.55 -13.19 0.84
CB MSE A 65 -0.42 -10.04 1.38
CG MSE A 65 -0.93 -8.59 1.29
SE MSE A 65 -2.35 -8.26 0.05
CE MSE A 65 -3.94 -8.20 1.18
N GLY A 66 0.06 -12.95 2.44
CA GLY A 66 0.79 -14.21 2.15
C GLY A 66 0.17 -15.51 2.64
N LYS A 67 -0.46 -15.52 3.80
CA LYS A 67 -1.14 -16.72 4.25
C LYS A 67 -2.56 -16.85 3.70
N THR A 68 -3.18 -15.72 3.40
CA THR A 68 -4.58 -15.73 3.01
C THR A 68 -4.75 -16.13 1.54
N PHE A 69 -3.79 -15.76 0.68
CA PHE A 69 -3.91 -15.92 -0.78
C PHE A 69 -2.72 -16.66 -1.35
N SER A 70 -2.94 -17.44 -2.40
CA SER A 70 -1.86 -18.16 -3.04
C SER A 70 -1.37 -17.42 -4.29
N LYS A 71 -2.21 -16.55 -4.86
CA LYS A 71 -1.80 -15.73 -6.01
C LYS A 71 -2.47 -14.36 -5.79
N ARG A 72 -1.76 -13.28 -6.13
CA ARG A 72 -2.24 -11.91 -5.92
C ARG A 72 -1.79 -11.02 -7.08
N THR A 73 -2.70 -10.20 -7.58
CA THR A 73 -2.37 -9.14 -8.53
C THR A 73 -3.01 -7.83 -8.15
N LEU A 74 -2.18 -6.88 -7.73
CA LEU A 74 -2.65 -5.53 -7.34
C LEU A 74 -2.19 -4.54 -8.43
N LYS A 75 -3.17 -3.84 -9.00
CA LYS A 75 -2.93 -2.87 -10.06
C LYS A 75 -3.60 -1.52 -9.78
N LEU A 76 -3.04 -0.45 -10.34
CA LEU A 76 -3.65 0.90 -10.26
C LEU A 76 -4.61 1.14 -11.43
N ASP A 77 -5.70 1.87 -11.19
CA ASP A 77 -6.63 2.23 -12.26
C ASP A 77 -6.09 3.36 -13.16
N ALA A 78 -5.31 4.26 -12.58
CA ALA A 78 -4.71 5.39 -13.30
C ALA A 78 -3.43 5.69 -12.60
N PRO A 79 -2.56 6.48 -13.21
CA PRO A 79 -1.34 6.78 -12.45
C PRO A 79 -1.65 7.60 -11.18
N PRO A 80 -0.74 7.59 -10.20
CA PRO A 80 -1.14 8.16 -8.93
C PRO A 80 -1.09 9.70 -8.92
N ALA A 81 -1.88 10.33 -8.07
CA ALA A 81 -1.82 11.78 -7.81
C ALA A 81 -0.76 11.90 -6.72
N ILE A 82 0.22 12.78 -6.88
CA ILE A 82 1.30 12.89 -5.92
C ILE A 82 1.43 14.38 -5.66
N HIS A 83 1.34 14.76 -4.40
CA HIS A 83 1.39 16.15 -3.96
C HIS A 83 2.61 16.26 -3.08
N VAL A 84 3.60 17.01 -3.52
CA VAL A 84 4.86 17.14 -2.79
C VAL A 84 4.86 18.38 -1.92
N TYR A 85 5.18 18.19 -0.64
CA TYR A 85 5.32 19.25 0.37
C TYR A 85 6.70 19.22 1.05
N GLY A 86 7.71 19.64 0.31
CA GLY A 86 9.09 19.71 0.80
C GLY A 86 9.63 18.32 0.81
N ASN A 87 9.85 17.77 2.01
CA ASN A 87 10.43 16.43 2.17
C ASN A 87 9.43 15.37 2.57
N ALA A 88 8.16 15.64 2.31
CA ALA A 88 7.09 14.68 2.47
C ALA A 88 6.23 14.76 1.24
N ALA A 89 5.49 13.71 0.95
CA ALA A 89 4.58 13.71 -0.18
C ALA A 89 3.42 12.78 0.10
N VAL A 90 2.25 13.15 -0.43
CA VAL A 90 1.05 12.34 -0.33
C VAL A 90 0.77 11.83 -1.71
N ALA A 91 0.58 10.52 -1.81
CA ALA A 91 0.21 9.82 -3.05
C ALA A 91 -1.17 9.21 -2.83
N GLU A 92 -2.04 9.33 -3.83
CA GLU A 92 -3.39 8.78 -3.76
C GLU A 92 -3.67 8.02 -5.02
N PHE A 93 -4.31 6.87 -4.90
CA PHE A 93 -4.66 6.13 -6.10
C PHE A 93 -5.81 5.21 -5.90
N ASP A 94 -6.37 4.80 -7.02
CA ASP A 94 -7.45 3.86 -7.07
C ASP A 94 -6.81 2.58 -7.55
N TRP A 95 -7.22 1.45 -6.97
CA TRP A 95 -6.59 0.18 -7.22
C TRP A 95 -7.63 -0.93 -7.34
N HIS A 96 -7.17 -2.03 -7.91
CA HIS A 96 -7.96 -3.25 -7.95
C HIS A 96 -7.04 -4.44 -7.71
N PHE A 97 -7.63 -5.49 -7.20
CA PHE A 97 -6.92 -6.59 -6.56
C PHE A 97 -7.59 -7.91 -6.85
N THR A 98 -6.81 -8.85 -7.38
CA THR A 98 -7.32 -10.18 -7.72
C THR A 98 -6.43 -11.19 -7.03
N ALA A 99 -7.05 -11.99 -6.20
CA ALA A 99 -6.29 -12.93 -5.43
C ALA A 99 -7.03 -14.26 -5.44
N VAL A 100 -6.26 -15.35 -5.42
CA VAL A 100 -6.78 -16.66 -5.16
C VAL A 100 -6.61 -16.94 -3.64
N ARG A 101 -7.71 -17.23 -2.95
CA ARG A 101 -7.68 -17.68 -1.54
C ARG A 101 -7.10 -19.10 -1.30
N ARG A 102 -6.27 -19.22 -0.25
CA ARG A 102 -5.81 -20.54 0.21
C ARG A 102 -6.93 -21.40 0.84
N ASP A 103 -7.89 -20.78 1.51
CA ASP A 103 -8.90 -21.55 2.28
C ASP A 103 -9.82 -22.39 1.35
N ASN A 104 -10.32 -21.79 0.27
CA ASN A 104 -11.28 -22.45 -0.64
C ASN A 104 -10.90 -22.49 -2.13
N GLY A 105 -9.72 -21.95 -2.47
CA GLY A 105 -9.23 -21.91 -3.86
C GLY A 105 -9.90 -20.88 -4.79
N GLN A 106 -10.92 -20.20 -4.29
CA GLN A 106 -11.68 -19.29 -5.13
C GLN A 106 -10.97 -17.96 -5.35
N THR A 107 -11.14 -17.41 -6.55
CA THR A 107 -10.64 -16.07 -6.91
C THR A 107 -11.54 -14.96 -6.36
N GLN A 108 -10.94 -14.05 -5.60
CA GLN A 108 -11.65 -12.98 -4.93
C GLN A 108 -11.18 -11.67 -5.60
N HIS A 109 -12.14 -10.77 -5.85
CA HIS A 109 -11.80 -9.54 -6.54
C HIS A 109 -12.29 -8.34 -5.77
N THR A 110 -11.37 -7.46 -5.42
CA THR A 110 -11.70 -6.24 -4.73
C THR A 110 -11.14 -4.99 -5.38
N THR A 111 -11.67 -3.83 -4.92
CA THR A 111 -11.17 -2.52 -5.36
C THR A 111 -11.21 -1.51 -4.21
N GLY A 112 -10.66 -0.33 -4.47
CA GLY A 112 -10.69 0.70 -3.44
C GLY A 112 -9.78 1.85 -3.72
N ARG A 113 -9.63 2.69 -2.70
CA ARG A 113 -8.76 3.87 -2.77
C ARG A 113 -7.66 3.68 -1.77
N GLU A 114 -6.50 4.22 -2.08
CA GLU A 114 -5.35 4.17 -1.17
C GLU A 114 -4.62 5.51 -1.10
N SER A 115 -4.23 5.88 0.10
CA SER A 115 -3.29 7.00 0.25
C SER A 115 -2.03 6.51 0.94
N GLN A 116 -0.91 7.06 0.52
CA GLN A 116 0.41 6.73 1.06
C GLN A 116 1.07 8.07 1.36
N VAL A 117 1.73 8.16 2.51
CA VAL A 117 2.56 9.28 2.83
C VAL A 117 3.99 8.81 2.67
N TRP A 118 4.73 9.47 1.79
CA TRP A 118 6.17 9.24 1.60
C TRP A 118 6.92 10.42 2.21
N ALA A 119 8.04 10.11 2.87
CA ALA A 119 8.89 11.11 3.47
C ALA A 119 10.30 10.77 3.00
N LYS A 120 11.11 11.81 2.80
CA LYS A 120 12.50 11.63 2.41
C LYS A 120 13.26 11.35 3.69
N ILE A 121 13.74 10.12 3.81
CA ILE A 121 14.37 9.69 5.01
C ILE A 121 15.88 9.95 4.80
N PRO A 122 16.51 10.71 5.73
CA PRO A 122 17.92 11.10 5.45
C PRO A 122 18.87 9.92 5.13
N ASN A 123 19.70 10.14 4.10
CA ASN A 123 20.63 9.17 3.46
C ASN A 123 20.09 7.77 3.09
N THR A 124 18.76 7.66 2.94
CA THR A 124 18.09 6.42 2.60
C THR A 124 17.26 6.67 1.32
N GLY A 125 16.52 7.76 1.37
CA GLY A 125 15.74 8.23 0.26
C GLY A 125 14.29 8.20 0.70
N TRP A 126 13.45 8.37 -0.29
CA TRP A 126 12.02 8.40 -0.10
C TRP A 126 11.50 7.03 0.29
N ARG A 127 10.75 6.98 1.42
CA ARG A 127 10.10 5.79 1.93
C ARG A 127 8.68 6.02 2.41
N ILE A 128 7.87 4.95 2.48
CA ILE A 128 6.49 5.04 2.95
C ILE A 128 6.45 5.10 4.44
N VAL A 129 5.82 6.15 4.94
CA VAL A 129 5.69 6.35 6.36
C VAL A 129 4.26 6.03 6.80
N HIS A 130 3.32 5.95 5.88
CA HIS A 130 1.98 5.63 6.29
C HIS A 130 1.16 5.23 5.11
N VAL A 131 0.30 4.25 5.29
CA VAL A 131 -0.69 3.91 4.26
C VAL A 131 -2.07 3.90 4.88
N HIS A 132 -3.09 4.33 4.16
CA HIS A 132 -4.46 4.07 4.59
C HIS A 132 -5.19 3.58 3.37
N TYR A 133 -5.73 2.37 3.39
CA TYR A 133 -6.57 2.00 2.26
C TYR A 133 -7.96 1.59 2.68
N SER A 134 -8.90 1.84 1.78
CA SER A 134 -10.30 1.54 2.02
C SER A 134 -10.92 1.08 0.74
N GLY A 135 -12.15 0.60 0.85
CA GLY A 135 -12.88 0.10 -0.29
C GLY A 135 -13.40 1.24 -1.16
N PRO A 136 -14.14 0.88 -2.21
CA PRO A 136 -14.66 1.87 -3.13
C PRO A 136 -15.76 2.68 -2.47
N ALA A 137 -16.05 3.83 -3.07
CA ALA A 137 -17.06 4.75 -2.56
C ALA A 137 -18.41 4.06 -2.64
N LYS A 138 -19.25 4.35 -1.64
CA LYS A 138 -20.65 3.87 -1.57
C LYS A 138 -21.49 5.09 -1.40
N THR A 139 -22.48 5.26 -2.27
CA THR A 139 -23.25 6.49 -2.28
C THR A 139 -24.74 6.24 -1.98
N GLY A 140 -25.10 5.09 -1.42
CA GLY A 140 -26.49 4.80 -1.12
C GLY A 140 -27.00 5.70 -0.02
N VAL A 141 -28.32 5.76 0.21
CA VAL A 141 -28.90 6.57 1.28
C VAL A 141 -28.49 5.93 2.61
N GLY A 142 -27.95 6.77 3.50
CA GLY A 142 -27.55 6.34 4.82
C GLY A 142 -26.20 5.63 4.89
N GLU A 143 -25.52 5.36 3.79
CA GLU A 143 -24.26 4.60 3.92
C GLU A 143 -23.01 5.46 3.77
N GLY A 144 -21.92 4.99 4.34
CA GLY A 144 -20.61 5.61 4.20
C GLY A 144 -20.29 6.80 5.10
N TYR A 145 -21.02 6.95 6.21
CA TYR A 145 -20.72 8.01 7.18
C TYR A 145 -19.94 7.40 8.38
C1 MLI B . 11.35 -7.59 7.74
C2 MLI B . 11.80 -8.84 6.88
C3 MLI B . 11.82 -7.49 9.25
O6 MLI B . 12.91 -8.79 6.27
O7 MLI B . 10.96 -9.77 6.79
O8 MLI B . 13.02 -7.17 9.46
O9 MLI B . 10.95 -7.63 10.15
C1 GOL C . -13.31 -6.81 -12.43
O1 GOL C . -13.86 -7.50 -13.54
C2 GOL C . -13.59 -5.29 -12.49
O2 GOL C . -14.91 -5.22 -12.90
C3 GOL C . -13.46 -4.43 -11.19
O3 GOL C . -12.27 -3.66 -11.01
N1 IMD D . -3.25 -2.17 -1.02
C2 IMD D . -4.46 -2.55 -1.43
N3 IMD D . -4.60 -3.88 -1.22
C4 IMD D . -3.46 -4.34 -0.65
C5 IMD D . -2.60 -3.25 -0.53
#